data_7ZUL
#
_entry.id   7ZUL
#
_cell.length_a   96.934
_cell.length_b   149.773
_cell.length_c   98.872
_cell.angle_alpha   90.000
_cell.angle_beta   90.000
_cell.angle_gamma   90.000
#
_symmetry.space_group_name_H-M   'C 2 2 21'
#
loop_
_entity.id
_entity.type
_entity.pdbx_description
1 polymer 'Penicillin-binding protein 1b'
2 non-polymer 6-azido-N-[(2R)-1-oxidanylidene-1-[[(2S,3R)-3-oxidanyl-1-oxidanylidene-butan-2-yl]amino]-3-phenyl-propan-2-yl]hexanamide
3 non-polymer 'CHLORIDE ION'
4 water water
#
_entity_poly.entity_id   1
_entity_poly.type   'polypeptide(L)'
_entity_poly.pdbx_seq_one_letter_code
;MQNQLNELKRKMLEFFQQKQKNKKSARPGKKGSSTKKSKTLDKSAIFPAILLSIKALFNLLFVLGFLGGMLGAGIALGYG
VALFDKVRVPQTEELVNQVKDISSISEITYSDGTVIASIESDLLRTSISSEQISENLKKAIIATEDEHFKEHKGVVPKAV
IRATLGKFVGLGSSSGGSTLTQQLIKQQVVGDAPTLARKAAEIVDALALERAMNKDEILTTYLNVAPFGRNNKGQNIAGA
RQAAEGIFGVDASQLTVPQAAFLAGLPQSPITYSPYENTGELKSDEDLEIGLRRAKAVLYSMYRTGALSKDEYSQYKDYD
LKQDFLPSGTVTGISRDYLYFTTLAEAQERMYDYLAQRDNVSAKELKNEATQKFYRDLAAKEIENGGYKITTTIDQKIHS
AMQSAVADYGYLLDDGTGRVEVGNVLMDNQTGAILGFVGGRNYQENQNNHAFDTKRSPASTTKPLLAYGIAIDQGLMGSE
TILSNYPTNFANGNPIMYANSKGTGMMTLGEALNYSWNIPAYWTYRMLRENGVDVKGYMEKMGYEIPEYGIESLPMGGGI
EVTVAQHTNGYQTLANNGVYHQKHVISKIEAADGRVVYEYQDKPVQVYSKATATIMQGLLREVLSSRVTTTFKSNLTSLN
PTLANADWIGKTGTTGQDENMWLMLSTPRLTLGGWIGHDDNHSLSQQAGYSNNSNYMAHLVNAIQQASPSIWGNERFALD
PSVVKSEVLKSTGQKPGKVSVEGKEVEVTGSTVTSYWANKSGAPATSYRFAIGGSDADYQNAWSSIVGSLPTPSSSSSSS
SSSSDSSNSSTTRPSSSRARR
;
_entity_poly.pdbx_strand_id   AAA
#
# COMPACT_ATOMS: atom_id res chain seq x y z
N ASP A 337 -13.06 15.71 18.94
CA ASP A 337 -13.26 15.00 17.67
C ASP A 337 -12.17 13.92 17.53
N TYR A 338 -11.97 13.38 16.33
CA TYR A 338 -11.13 12.16 16.13
C TYR A 338 -9.69 12.49 16.53
N LEU A 339 -9.28 13.73 16.25
CA LEU A 339 -7.88 14.20 16.48
C LEU A 339 -7.63 14.30 17.98
N TYR A 340 -8.54 14.90 18.73
CA TYR A 340 -8.42 15.07 20.19
C TYR A 340 -8.16 13.71 20.85
N PHE A 341 -8.97 12.69 20.55
CA PHE A 341 -8.94 11.38 21.24
C PHE A 341 -7.76 10.54 20.73
N THR A 342 -7.41 10.61 19.45
CA THR A 342 -6.25 9.86 18.89
C THR A 342 -4.96 10.35 19.56
N THR A 343 -4.74 11.65 19.55
CA THR A 343 -3.60 12.35 20.20
C THR A 343 -3.58 12.04 21.69
N LEU A 344 -4.72 12.17 22.38
CA LEU A 344 -4.79 11.91 23.84
C LEU A 344 -4.37 10.46 24.10
N ALA A 345 -4.89 9.49 23.33
CA ALA A 345 -4.57 8.05 23.48
C ALA A 345 -3.05 7.84 23.35
N GLU A 346 -2.41 8.42 22.32
CA GLU A 346 -0.97 8.18 22.05
C GLU A 346 -0.15 8.87 23.13
N ALA A 347 -0.57 10.06 23.54
CA ALA A 347 0.10 10.86 24.59
C ALA A 347 0.06 10.08 25.91
N GLN A 348 -1.05 9.43 26.20
CA GLN A 348 -1.26 8.63 27.43
C GLN A 348 -0.29 7.43 27.42
N GLU A 349 -0.10 6.80 26.27
CA GLU A 349 0.78 5.60 26.18
C GLU A 349 2.23 6.05 26.41
N ARG A 350 2.62 7.19 25.85
CA ARG A 350 3.99 7.73 26.01
C ARG A 350 4.20 8.17 27.46
N MET A 351 3.18 8.74 28.09
CA MET A 351 3.28 9.20 29.49
C MET A 351 3.39 7.96 30.39
N TYR A 352 2.68 6.89 30.04
CA TYR A 352 2.71 5.60 30.77
C TYR A 352 4.15 5.10 30.80
N ASP A 353 4.82 5.02 29.65
CA ASP A 353 6.23 4.54 29.55
C ASP A 353 7.15 5.44 30.39
N TYR A 354 6.96 6.75 30.30
CA TYR A 354 7.80 7.75 31.00
C TYR A 354 7.68 7.56 32.52
N LEU A 355 6.44 7.49 33.03
CA LEU A 355 6.15 7.42 34.48
C LEU A 355 6.71 6.11 35.04
N ALA A 356 6.53 5.02 34.31
CA ALA A 356 7.03 3.69 34.73
C ALA A 356 8.55 3.74 34.90
N GLN A 357 9.28 4.27 33.93
CA GLN A 357 10.77 4.43 33.96
C GLN A 357 11.15 5.40 35.08
N ARG A 358 10.41 6.49 35.22
CA ARG A 358 10.69 7.52 36.25
C ARG A 358 10.64 6.86 37.64
N ASP A 359 9.61 6.04 37.89
CA ASP A 359 9.35 5.42 39.22
C ASP A 359 10.15 4.13 39.32
N ASN A 360 11.01 3.84 38.33
CA ASN A 360 11.98 2.71 38.38
C ASN A 360 11.21 1.38 38.50
N VAL A 361 10.07 1.25 37.83
CA VAL A 361 9.24 0.01 37.83
C VAL A 361 9.88 -0.99 36.87
N SER A 362 10.19 -2.21 37.34
CA SER A 362 10.75 -3.33 36.53
C SER A 362 9.85 -3.67 35.34
N ALA A 363 10.43 -4.23 34.28
CA ALA A 363 9.71 -4.91 33.19
C ALA A 363 8.79 -5.99 33.77
N LYS A 364 9.26 -6.66 34.85
CA LYS A 364 8.52 -7.75 35.57
C LYS A 364 7.32 -7.15 36.31
N GLU A 365 7.54 -6.11 37.13
CA GLU A 365 6.47 -5.40 37.87
C GLU A 365 5.43 -4.90 36.85
N LEU A 366 5.87 -4.53 35.65
CA LEU A 366 4.98 -3.95 34.59
C LEU A 366 4.06 -5.05 34.03
N LYS A 367 4.40 -6.32 34.25
CA LYS A 367 3.54 -7.46 33.82
C LYS A 367 2.33 -7.59 34.75
N ASN A 368 2.41 -7.06 35.97
CA ASN A 368 1.32 -7.13 36.97
C ASN A 368 0.16 -6.24 36.51
N GLU A 369 -1.03 -6.82 36.35
CA GLU A 369 -2.24 -6.17 35.80
C GLU A 369 -2.64 -4.95 36.68
N ALA A 370 -2.59 -5.09 38.00
CA ALA A 370 -2.98 -4.01 38.94
C ALA A 370 -1.99 -2.83 38.78
N THR A 371 -0.71 -3.12 38.61
CA THR A 371 0.37 -2.11 38.44
C THR A 371 0.17 -1.40 37.10
N GLN A 372 -0.17 -2.12 36.04
CA GLN A 372 -0.45 -1.50 34.72
C GLN A 372 -1.65 -0.56 34.84
N LYS A 373 -2.71 -0.99 35.51
CA LYS A 373 -3.95 -0.19 35.64
C LYS A 373 -3.59 1.12 36.35
N PHE A 374 -2.81 1.03 37.42
CA PHE A 374 -2.40 2.20 38.23
C PHE A 374 -1.63 3.16 37.33
N TYR A 375 -0.65 2.66 36.57
CA TYR A 375 0.21 3.52 35.71
C TYR A 375 -0.59 4.10 34.54
N ARG A 376 -1.57 3.37 33.97
CA ARG A 376 -2.47 3.93 32.92
CA ARG A 376 -2.49 3.92 32.93
C ARG A 376 -3.30 5.07 33.53
N ASP A 377 -3.84 4.89 34.73
CA ASP A 377 -4.69 5.91 35.40
C ASP A 377 -3.82 7.12 35.72
N LEU A 378 -2.61 6.89 36.22
CA LEU A 378 -1.67 7.97 36.60
C LEU A 378 -1.28 8.74 35.33
N ALA A 379 -1.00 8.06 34.22
CA ALA A 379 -0.69 8.70 32.92
C ALA A 379 -1.84 9.62 32.49
N ALA A 380 -3.09 9.14 32.54
CA ALA A 380 -4.31 9.90 32.19
C ALA A 380 -4.40 11.17 33.04
N LYS A 381 -4.29 11.04 34.37
CA LYS A 381 -4.39 12.19 35.30
C LYS A 381 -3.24 13.17 35.03
N GLU A 382 -2.03 12.69 34.72
CA GLU A 382 -0.87 13.58 34.47
C GLU A 382 -1.15 14.47 33.24
N ILE A 383 -1.66 13.90 32.16
CA ILE A 383 -2.06 14.66 30.94
C ILE A 383 -3.19 15.63 31.34
N GLU A 384 -4.24 15.11 31.97
CA GLU A 384 -5.47 15.86 32.34
C GLU A 384 -5.10 17.08 33.19
N ASN A 385 -4.18 16.93 34.14
CA ASN A 385 -3.94 17.89 35.25
C ASN A 385 -2.60 18.62 35.06
N GLY A 386 -1.68 18.07 34.25
CA GLY A 386 -0.23 18.23 34.41
C GLY A 386 0.33 19.46 33.70
N GLY A 387 -0.39 20.07 32.76
CA GLY A 387 0.10 21.21 31.95
C GLY A 387 1.25 20.82 31.01
N TYR A 388 1.29 19.58 30.52
CA TYR A 388 2.28 19.15 29.50
C TYR A 388 1.96 19.84 28.18
N LYS A 389 2.98 20.04 27.35
CA LYS A 389 2.86 20.54 25.97
C LYS A 389 3.05 19.36 25.01
N ILE A 390 2.00 18.97 24.31
CA ILE A 390 2.06 17.88 23.30
C ILE A 390 2.23 18.53 21.93
N THR A 391 3.37 18.29 21.27
CA THR A 391 3.63 18.76 19.89
C THR A 391 3.27 17.61 18.94
N THR A 392 2.37 17.86 18.00
CA THR A 392 1.93 16.85 17.01
C THR A 392 2.52 17.22 15.66
N THR A 393 2.42 16.31 14.68
CA THR A 393 2.86 16.52 13.29
C THR A 393 1.70 17.07 12.45
N ILE A 394 0.52 17.20 13.05
CA ILE A 394 -0.74 17.60 12.34
C ILE A 394 -0.54 19.00 11.79
N ASP A 395 -0.76 19.16 10.49
CA ASP A 395 -0.86 20.49 9.82
C ASP A 395 -2.31 20.99 9.99
N GLN A 396 -2.55 21.98 10.86
CA GLN A 396 -3.93 22.27 11.31
C GLN A 396 -4.77 22.67 10.09
N LYS A 397 -4.26 23.51 9.18
CA LYS A 397 -5.04 23.99 8.01
C LYS A 397 -5.36 22.79 7.10
N ILE A 398 -4.43 21.86 6.93
CA ILE A 398 -4.68 20.67 6.08
C ILE A 398 -5.72 19.77 6.78
N HIS A 399 -5.50 19.46 8.05
CA HIS A 399 -6.41 18.56 8.80
C HIS A 399 -7.82 19.17 8.81
N SER A 400 -7.93 20.48 9.07
CA SER A 400 -9.23 21.19 9.01
C SER A 400 -9.86 21.08 7.61
N ALA A 401 -9.07 21.21 6.53
CA ALA A 401 -9.55 21.09 5.14
C ALA A 401 -10.08 19.68 4.90
N MET A 402 -9.41 18.66 5.43
CA MET A 402 -9.83 17.25 5.27
C MET A 402 -11.16 17.04 6.00
N GLN A 403 -11.36 17.65 7.18
CA GLN A 403 -12.66 17.56 7.89
C GLN A 403 -13.76 18.21 7.05
N SER A 404 -13.52 19.38 6.45
CA SER A 404 -14.54 20.11 5.65
C SER A 404 -14.81 19.31 4.37
N ALA A 405 -13.80 18.62 3.84
CA ALA A 405 -13.93 17.79 2.64
C ALA A 405 -14.89 16.63 2.91
N VAL A 406 -14.71 15.92 4.02
CA VAL A 406 -15.58 14.74 4.31
C VAL A 406 -16.99 15.22 4.69
N ALA A 407 -17.11 16.36 5.36
CA ALA A 407 -18.43 16.99 5.65
C ALA A 407 -19.17 17.32 4.33
N ASP A 408 -18.49 17.92 3.36
CA ASP A 408 -19.11 18.48 2.12
C ASP A 408 -19.33 17.36 1.10
N TYR A 409 -18.39 16.42 1.00
CA TYR A 409 -18.34 15.45 -0.13
C TYR A 409 -18.42 14.00 0.33
N GLY A 410 -18.50 13.73 1.62
CA GLY A 410 -18.68 12.34 2.10
C GLY A 410 -19.89 11.66 1.46
N TYR A 411 -20.96 12.39 1.16
CA TYR A 411 -22.20 11.82 0.57
C TYR A 411 -21.90 11.18 -0.79
N LEU A 412 -20.81 11.55 -1.47
CA LEU A 412 -20.43 10.95 -2.79
C LEU A 412 -20.12 9.47 -2.61
N LEU A 413 -19.88 9.03 -1.37
CA LEU A 413 -19.54 7.61 -1.05
C LEU A 413 -20.83 6.77 -0.97
N ASP A 414 -21.98 7.38 -0.73
CA ASP A 414 -23.26 6.65 -0.47
C ASP A 414 -23.75 6.10 -1.82
N ASP A 415 -23.87 4.78 -1.92
CA ASP A 415 -23.96 4.05 -3.21
C ASP A 415 -25.21 3.16 -3.18
N GLY A 416 -26.11 3.38 -2.22
CA GLY A 416 -27.37 2.63 -2.10
C GLY A 416 -27.21 1.34 -1.29
N THR A 417 -26.17 1.24 -0.46
CA THR A 417 -26.00 0.11 0.51
C THR A 417 -26.00 0.68 1.93
N GLY A 418 -26.59 1.86 2.13
CA GLY A 418 -26.59 2.51 3.44
C GLY A 418 -25.42 3.48 3.56
N ARG A 419 -25.33 4.16 4.69
CA ARG A 419 -24.27 5.17 4.97
C ARG A 419 -22.89 4.48 4.90
N VAL A 420 -22.03 4.95 4.00
CA VAL A 420 -20.68 4.36 3.80
C VAL A 420 -19.69 5.06 4.74
N GLU A 421 -18.95 4.30 5.55
CA GLU A 421 -17.88 4.84 6.41
C GLU A 421 -16.55 4.90 5.65
N VAL A 422 -15.63 5.69 6.20
CA VAL A 422 -14.43 6.14 5.46
C VAL A 422 -13.30 6.39 6.46
N GLY A 423 -12.08 6.08 6.04
CA GLY A 423 -10.85 6.45 6.75
C GLY A 423 -9.79 6.89 5.77
N ASN A 424 -9.04 7.92 6.12
CA ASN A 424 -7.96 8.49 5.28
C ASN A 424 -6.82 8.93 6.18
N VAL A 425 -5.58 8.69 5.74
CA VAL A 425 -4.37 9.19 6.46
C VAL A 425 -3.49 9.85 5.42
N LEU A 426 -3.12 11.10 5.69
CA LEU A 426 -2.17 11.84 4.84
C LEU A 426 -0.82 11.89 5.55
N MET A 427 0.21 11.38 4.89
CA MET A 427 1.52 11.13 5.49
C MET A 427 2.63 11.78 4.67
N ASP A 428 3.59 12.39 5.36
CA ASP A 428 4.81 12.96 4.74
C ASP A 428 5.77 11.80 4.43
N ASN A 429 6.15 11.66 3.16
CA ASN A 429 6.92 10.47 2.72
C ASN A 429 8.34 10.47 3.29
N GLN A 430 8.90 11.65 3.55
CA GLN A 430 10.31 11.80 4.00
C GLN A 430 10.44 11.59 5.51
N THR A 431 9.35 11.68 6.29
CA THR A 431 9.42 11.64 7.77
C THR A 431 8.47 10.61 8.41
N GLY A 432 7.42 10.15 7.71
CA GLY A 432 6.35 9.34 8.34
C GLY A 432 5.40 10.17 9.20
N ALA A 433 5.60 11.49 9.25
CA ALA A 433 4.70 12.42 9.97
C ALA A 433 3.30 12.35 9.35
N ILE A 434 2.27 12.21 10.19
CA ILE A 434 0.86 12.30 9.74
C ILE A 434 0.41 13.76 9.81
N LEU A 435 0.11 14.33 8.65
CA LEU A 435 -0.25 15.76 8.50
C LEU A 435 -1.74 15.95 8.75
N GLY A 436 -2.54 14.92 8.56
CA GLY A 436 -4.01 15.03 8.67
C GLY A 436 -4.62 13.67 8.43
N PHE A 437 -5.85 13.48 8.87
CA PHE A 437 -6.60 12.22 8.63
C PHE A 437 -8.10 12.46 8.73
N VAL A 438 -8.84 11.53 8.15
CA VAL A 438 -10.32 11.46 8.26
C VAL A 438 -10.62 10.22 9.10
N GLY A 439 -11.22 10.39 10.25
CA GLY A 439 -11.60 9.26 11.13
C GLY A 439 -12.90 8.61 10.69
N GLY A 440 -13.77 9.35 10.00
CA GLY A 440 -15.10 8.87 9.58
C GLY A 440 -15.98 10.00 9.11
N ARG A 441 -17.23 9.65 8.81
CA ARG A 441 -18.21 10.57 8.17
C ARG A 441 -18.52 11.72 9.11
N ASN A 442 -18.65 11.45 10.41
CA ASN A 442 -19.19 12.43 11.38
C ASN A 442 -19.05 11.85 12.80
N TYR A 443 -17.99 12.23 13.53
CA TYR A 443 -17.73 11.83 14.94
C TYR A 443 -19.01 11.89 15.78
N GLN A 444 -19.84 12.92 15.57
CA GLN A 444 -21.03 13.19 16.42
C GLN A 444 -22.05 12.07 16.23
N GLU A 445 -22.06 11.40 15.07
CA GLU A 445 -23.06 10.33 14.77
C GLU A 445 -22.44 8.95 14.99
N ASN A 446 -21.11 8.83 14.89
CA ASN A 446 -20.38 7.53 14.97
C ASN A 446 -18.91 7.81 15.28
N GLN A 447 -18.45 7.38 16.46
CA GLN A 447 -17.13 7.77 17.04
CA GLN A 447 -17.13 7.77 17.04
C GLN A 447 -16.01 6.83 16.56
N ASN A 448 -16.36 5.70 15.92
CA ASN A 448 -15.36 4.68 15.52
C ASN A 448 -14.30 5.35 14.62
N ASN A 449 -13.02 5.15 14.92
CA ASN A 449 -11.90 5.82 14.23
C ASN A 449 -11.41 4.92 13.10
N HIS A 450 -11.79 5.22 11.87
CA HIS A 450 -11.55 4.33 10.71
C HIS A 450 -10.15 4.57 10.14
N ALA A 451 -9.38 5.49 10.72
CA ALA A 451 -8.00 5.79 10.32
C ALA A 451 -6.99 4.97 11.15
N PHE A 452 -7.24 4.77 12.46
CA PHE A 452 -6.25 4.22 13.43
C PHE A 452 -6.74 2.97 14.15
N ASP A 453 -8.05 2.72 14.18
CA ASP A 453 -8.65 1.69 15.09
C ASP A 453 -9.17 0.51 14.27
N THR A 454 -9.89 0.76 13.18
CA THR A 454 -10.55 -0.31 12.38
C THR A 454 -9.50 -1.06 11.52
N LYS A 455 -9.50 -2.39 11.56
CA LYS A 455 -8.58 -3.22 10.73
C LYS A 455 -9.39 -4.01 9.71
N ARG A 456 -8.98 -3.95 8.45
CA ARG A 456 -9.68 -4.64 7.35
C ARG A 456 -8.62 -5.20 6.42
N SER A 457 -9.00 -6.19 5.62
CA SER A 457 -8.07 -6.71 4.60
C SER A 457 -7.80 -5.60 3.58
N PRO A 458 -6.52 -5.38 3.23
CA PRO A 458 -6.14 -4.45 2.18
C PRO A 458 -6.28 -5.01 0.75
N ALA A 459 -6.71 -6.26 0.63
CA ALA A 459 -7.10 -6.86 -0.68
C ALA A 459 -5.92 -6.68 -1.64
N SER A 460 -6.17 -6.24 -2.86
CA SER A 460 -5.15 -6.18 -3.94
C SER A 460 -4.10 -5.10 -3.68
N THR A 461 -4.26 -4.23 -2.69
CA THR A 461 -3.21 -3.21 -2.37
C THR A 461 -2.02 -3.88 -1.68
N THR A 462 -2.12 -5.18 -1.35
CA THR A 462 -1.01 -5.96 -0.78
C THR A 462 0.02 -6.26 -1.87
N LYS A 463 -0.41 -6.38 -3.13
CA LYS A 463 0.37 -6.99 -4.22
C LYS A 463 1.69 -6.28 -4.44
N PRO A 464 1.72 -4.93 -4.53
CA PRO A 464 2.97 -4.21 -4.79
C PRO A 464 4.02 -4.41 -3.69
N LEU A 465 3.59 -4.56 -2.44
CA LEU A 465 4.49 -4.62 -1.26
C LEU A 465 4.99 -6.06 -1.07
N LEU A 466 4.09 -7.03 -1.12
CA LEU A 466 4.32 -8.38 -0.56
C LEU A 466 4.74 -9.34 -1.68
N ALA A 467 4.29 -9.09 -2.90
CA ALA A 467 4.54 -9.98 -4.05
C ALA A 467 5.55 -9.31 -4.98
N TYR A 468 5.12 -8.33 -5.77
CA TYR A 468 5.91 -7.79 -6.89
C TYR A 468 7.15 -7.05 -6.38
N GLY A 469 6.98 -6.18 -5.40
CA GLY A 469 8.11 -5.43 -4.84
C GLY A 469 9.22 -6.37 -4.37
N ILE A 470 8.88 -7.38 -3.60
CA ILE A 470 9.90 -8.29 -3.02
C ILE A 470 10.52 -9.10 -4.18
N ALA A 471 9.74 -9.55 -5.15
CA ALA A 471 10.26 -10.36 -6.27
C ALA A 471 11.28 -9.54 -7.06
N ILE A 472 10.97 -8.28 -7.35
CA ILE A 472 11.88 -7.33 -8.04
C ILE A 472 13.13 -7.14 -7.17
N ASP A 473 12.96 -6.97 -5.86
CA ASP A 473 14.07 -6.69 -4.92
C ASP A 473 15.03 -7.89 -4.89
N GLN A 474 14.50 -9.08 -5.10
CA GLN A 474 15.24 -10.36 -4.99
C GLN A 474 15.84 -10.72 -6.34
N GLY A 475 15.65 -9.88 -7.37
CA GLY A 475 16.14 -10.14 -8.73
C GLY A 475 15.43 -11.33 -9.37
N LEU A 476 14.15 -11.53 -9.04
CA LEU A 476 13.34 -12.66 -9.60
C LEU A 476 12.40 -12.16 -10.70
N MET A 477 12.34 -10.84 -10.95
CA MET A 477 11.56 -10.26 -12.07
C MET A 477 11.98 -8.81 -12.30
N GLY A 478 11.73 -8.33 -13.50
CA GLY A 478 11.86 -6.92 -13.90
C GLY A 478 10.54 -6.37 -14.40
N SER A 479 10.55 -5.12 -14.85
CA SER A 479 9.34 -4.32 -15.18
C SER A 479 8.56 -4.95 -16.35
N GLU A 480 9.24 -5.62 -17.29
CA GLU A 480 8.58 -6.23 -18.48
C GLU A 480 8.64 -7.76 -18.41
N THR A 481 8.85 -8.31 -17.21
CA THR A 481 8.75 -9.78 -16.97
C THR A 481 7.33 -10.26 -17.29
N ILE A 482 7.22 -11.49 -17.79
CA ILE A 482 5.91 -12.11 -18.16
C ILE A 482 5.45 -13.02 -17.02
N LEU A 483 4.16 -12.95 -16.71
CA LEU A 483 3.50 -13.81 -15.70
C LEU A 483 2.38 -14.58 -16.36
N SER A 484 2.10 -15.77 -15.85
CA SER A 484 0.89 -16.56 -16.21
C SER A 484 -0.35 -15.93 -15.57
N ASN A 485 -1.34 -15.61 -16.38
CA ASN A 485 -2.74 -15.42 -15.94
C ASN A 485 -3.60 -16.58 -16.46
N TYR A 486 -3.01 -17.71 -16.85
CA TYR A 486 -3.79 -18.90 -17.25
C TYR A 486 -4.61 -19.39 -16.06
N PRO A 487 -5.81 -19.95 -16.29
CA PRO A 487 -6.60 -20.54 -15.21
C PRO A 487 -5.76 -21.44 -14.31
N THR A 488 -5.96 -21.34 -13.00
CA THR A 488 -5.31 -22.20 -11.98
C THR A 488 -6.18 -22.21 -10.72
N ASN A 489 -6.03 -23.24 -9.89
CA ASN A 489 -6.84 -23.43 -8.66
C ASN A 489 -5.98 -23.22 -7.43
N PHE A 490 -6.58 -22.67 -6.37
CA PHE A 490 -6.03 -22.68 -5.01
C PHE A 490 -5.88 -24.15 -4.56
N ALA A 491 -5.12 -24.37 -3.49
CA ALA A 491 -4.81 -25.70 -2.92
C ALA A 491 -6.10 -26.38 -2.44
N ASN A 492 -7.17 -25.63 -2.22
CA ASN A 492 -8.47 -26.18 -1.77
C ASN A 492 -9.35 -26.54 -2.97
N GLY A 493 -8.87 -26.31 -4.19
CA GLY A 493 -9.55 -26.75 -5.42
C GLY A 493 -10.36 -25.64 -6.07
N ASN A 494 -10.57 -24.52 -5.38
CA ASN A 494 -11.34 -23.37 -5.90
C ASN A 494 -10.53 -22.69 -7.00
N PRO A 495 -11.18 -22.30 -8.13
CA PRO A 495 -10.52 -21.52 -9.16
C PRO A 495 -10.16 -20.12 -8.64
N ILE A 496 -8.97 -19.63 -8.96
CA ILE A 496 -8.56 -18.22 -8.71
C ILE A 496 -9.28 -17.34 -9.72
N MET A 497 -10.13 -16.46 -9.22
CA MET A 497 -11.08 -15.68 -10.04
C MET A 497 -10.63 -14.22 -10.06
N TYR A 498 -11.08 -13.50 -11.07
CA TYR A 498 -11.00 -12.02 -11.20
C TYR A 498 -12.34 -11.58 -11.74
N ALA A 499 -13.19 -11.06 -10.85
CA ALA A 499 -14.63 -10.89 -11.09
C ALA A 499 -15.18 -12.22 -11.63
N ASN A 500 -15.66 -12.27 -12.88
CA ASN A 500 -16.25 -13.50 -13.46
C ASN A 500 -15.24 -14.19 -14.39
N SER A 501 -13.99 -13.73 -14.44
CA SER A 501 -12.97 -14.34 -15.33
C SER A 501 -12.12 -15.36 -14.55
N LYS A 502 -11.94 -16.54 -15.14
CA LYS A 502 -11.05 -17.63 -14.61
C LYS A 502 -9.62 -17.41 -15.10
N GLY A 503 -9.40 -16.38 -15.93
CA GLY A 503 -8.06 -15.99 -16.42
C GLY A 503 -7.98 -15.96 -17.94
N THR A 504 -6.81 -15.61 -18.45
CA THR A 504 -6.53 -15.42 -19.89
C THR A 504 -5.25 -16.20 -20.21
N GLY A 505 -4.14 -15.53 -20.45
CA GLY A 505 -2.87 -16.19 -20.81
C GLY A 505 -1.70 -15.46 -20.20
N MET A 506 -0.58 -15.40 -20.91
CA MET A 506 0.64 -14.70 -20.47
C MET A 506 0.36 -13.21 -20.50
N MET A 507 0.96 -12.44 -19.60
CA MET A 507 0.87 -10.98 -19.65
C MET A 507 2.08 -10.37 -18.94
N THR A 508 2.39 -9.12 -19.28
CA THR A 508 3.46 -8.33 -18.62
C THR A 508 3.03 -8.02 -17.19
N LEU A 509 4.02 -7.71 -16.35
CA LEU A 509 3.82 -7.21 -14.98
C LEU A 509 2.94 -5.96 -15.05
N GLY A 510 3.16 -5.10 -16.04
CA GLY A 510 2.39 -3.85 -16.24
C GLY A 510 0.91 -4.14 -16.44
N GLU A 511 0.56 -5.04 -17.34
CA GLU A 511 -0.85 -5.44 -17.52
C GLU A 511 -1.39 -6.07 -16.23
N ALA A 512 -0.60 -6.95 -15.57
CA ALA A 512 -1.01 -7.62 -14.31
C ALA A 512 -1.36 -6.53 -13.27
N LEU A 513 -0.54 -5.50 -13.16
CA LEU A 513 -0.76 -4.45 -12.13
C LEU A 513 -1.92 -3.52 -12.52
N ASN A 514 -2.00 -3.12 -13.78
CA ASN A 514 -3.02 -2.14 -14.24
C ASN A 514 -4.43 -2.72 -14.03
N TYR A 515 -4.61 -4.01 -14.30
CA TYR A 515 -5.92 -4.70 -14.15
C TYR A 515 -6.08 -5.25 -12.73
N SER A 516 -4.98 -5.41 -12.00
CA SER A 516 -4.88 -6.17 -10.72
C SER A 516 -5.35 -7.61 -10.92
N TRP A 517 -4.92 -8.24 -12.00
CA TRP A 517 -5.16 -9.71 -12.16
C TRP A 517 -4.63 -10.44 -10.91
N ASN A 518 -5.26 -11.56 -10.55
CA ASN A 518 -4.98 -12.23 -9.25
C ASN A 518 -4.00 -13.39 -9.46
N ILE A 519 -4.11 -14.11 -10.57
CA ILE A 519 -3.29 -15.32 -10.81
C ILE A 519 -1.81 -14.94 -10.84
N PRO A 520 -1.38 -13.86 -11.53
CA PRO A 520 0.04 -13.50 -11.54
C PRO A 520 0.60 -13.22 -10.14
N ALA A 521 -0.22 -12.64 -9.26
CA ALA A 521 0.14 -12.30 -7.86
C ALA A 521 0.34 -13.59 -7.07
N TYR A 522 -0.57 -14.55 -7.27
CA TYR A 522 -0.52 -15.90 -6.65
C TYR A 522 0.80 -16.58 -7.04
N TRP A 523 1.16 -16.58 -8.34
CA TRP A 523 2.40 -17.24 -8.83
C TRP A 523 3.63 -16.51 -8.27
N THR A 524 3.57 -15.21 -8.18
CA THR A 524 4.70 -14.42 -7.67
C THR A 524 4.99 -14.83 -6.22
N TYR A 525 3.95 -14.86 -5.38
CA TYR A 525 4.12 -15.21 -3.94
C TYR A 525 4.56 -16.67 -3.82
N ARG A 526 4.02 -17.56 -4.66
CA ARG A 526 4.40 -18.99 -4.65
C ARG A 526 5.90 -19.09 -4.95
N MET A 527 6.38 -18.29 -5.93
CA MET A 527 7.80 -18.26 -6.30
C MET A 527 8.63 -17.80 -5.07
N LEU A 528 8.16 -16.80 -4.32
CA LEU A 528 8.92 -16.32 -3.12
C LEU A 528 9.02 -17.46 -2.09
N ARG A 529 7.92 -18.18 -1.88
CA ARG A 529 7.85 -19.29 -0.90
C ARG A 529 8.83 -20.38 -1.35
N GLU A 530 8.81 -20.70 -2.64
CA GLU A 530 9.63 -21.81 -3.22
C GLU A 530 11.11 -21.47 -3.05
N ASN A 531 11.46 -20.19 -3.09
CA ASN A 531 12.87 -19.69 -3.01
C ASN A 531 13.25 -19.38 -1.56
N GLY A 532 12.34 -19.57 -0.60
CA GLY A 532 12.62 -19.36 0.82
C GLY A 532 12.94 -17.90 1.12
N VAL A 533 12.34 -16.97 0.39
CA VAL A 533 12.56 -15.52 0.60
C VAL A 533 11.99 -15.14 1.98
N ASP A 534 12.74 -14.36 2.73
CA ASP A 534 12.31 -13.85 4.06
C ASP A 534 11.34 -12.67 3.86
N VAL A 535 10.11 -12.99 3.46
CA VAL A 535 9.01 -12.01 3.24
C VAL A 535 8.71 -11.31 4.56
N LYS A 536 8.67 -12.09 5.64
CA LYS A 536 8.33 -11.57 7.00
C LYS A 536 9.31 -10.45 7.39
N GLY A 537 10.59 -10.59 7.02
CA GLY A 537 11.62 -9.56 7.23
C GLY A 537 11.24 -8.22 6.62
N TYR A 538 10.80 -8.20 5.35
CA TYR A 538 10.32 -6.98 4.64
C TYR A 538 9.11 -6.40 5.39
N MET A 539 8.11 -7.23 5.67
CA MET A 539 6.79 -6.73 6.14
C MET A 539 6.91 -6.21 7.58
N GLU A 540 7.76 -6.83 8.40
CA GLU A 540 7.97 -6.47 9.84
C GLU A 540 8.84 -5.22 9.92
N LYS A 541 9.72 -4.99 8.95
CA LYS A 541 10.51 -3.73 8.90
C LYS A 541 9.55 -2.56 8.68
N MET A 542 8.40 -2.80 8.06
CA MET A 542 7.38 -1.74 7.76
C MET A 542 6.28 -1.73 8.83
N GLY A 543 6.43 -2.55 9.86
CA GLY A 543 5.53 -2.57 11.05
C GLY A 543 4.25 -3.37 10.80
N TYR A 544 4.20 -4.21 9.77
CA TYR A 544 3.01 -5.08 9.55
C TYR A 544 3.10 -6.28 10.50
N GLU A 545 1.95 -6.71 11.02
CA GLU A 545 1.81 -7.95 11.84
C GLU A 545 0.93 -8.95 11.07
N ILE A 546 1.56 -9.99 10.53
CA ILE A 546 0.88 -11.03 9.71
C ILE A 546 1.14 -12.36 10.38
N PRO A 547 0.10 -13.09 10.84
CA PRO A 547 0.31 -14.28 11.67
C PRO A 547 0.81 -15.50 10.89
N GLU A 548 0.43 -15.62 9.61
CA GLU A 548 0.75 -16.83 8.80
C GLU A 548 1.18 -16.36 7.40
N TYR A 549 2.43 -16.60 7.03
CA TYR A 549 3.00 -16.17 5.73
C TYR A 549 2.82 -17.28 4.68
N GLY A 550 2.22 -18.41 5.05
CA GLY A 550 2.02 -19.55 4.11
C GLY A 550 0.72 -19.48 3.32
N ILE A 551 -0.23 -18.62 3.73
CA ILE A 551 -1.55 -18.38 3.07
C ILE A 551 -1.30 -18.12 1.58
N GLU A 552 -1.88 -18.91 0.68
CA GLU A 552 -1.70 -18.75 -0.79
C GLU A 552 -2.23 -17.38 -1.26
N SER A 553 -3.29 -16.90 -0.62
CA SER A 553 -4.01 -15.65 -0.99
C SER A 553 -3.39 -14.42 -0.31
N LEU A 554 -2.21 -14.55 0.30
CA LEU A 554 -1.56 -13.42 1.05
C LEU A 554 -1.45 -12.20 0.14
N PRO A 555 -1.02 -12.33 -1.13
CA PRO A 555 -0.88 -11.16 -1.99
C PRO A 555 -2.22 -10.51 -2.37
N MET A 556 -3.34 -11.20 -2.16
CA MET A 556 -4.69 -10.64 -2.29
C MET A 556 -5.27 -10.23 -0.93
N GLY A 557 -4.41 -10.08 0.09
CA GLY A 557 -4.82 -9.62 1.42
C GLY A 557 -5.50 -10.68 2.26
N GLY A 558 -5.45 -11.94 1.83
CA GLY A 558 -5.82 -13.07 2.70
C GLY A 558 -4.89 -13.16 3.90
N GLY A 559 -5.45 -13.24 5.11
CA GLY A 559 -4.68 -13.43 6.35
C GLY A 559 -3.94 -12.17 6.74
N ILE A 560 -4.39 -11.03 6.23
CA ILE A 560 -3.84 -9.68 6.57
CA ILE A 560 -3.85 -9.71 6.64
C ILE A 560 -5.03 -8.77 6.89
N GLU A 561 -4.96 -8.04 8.00
CA GLU A 561 -5.92 -6.97 8.33
C GLU A 561 -5.10 -5.82 8.90
N VAL A 562 -5.32 -4.61 8.40
CA VAL A 562 -4.45 -3.44 8.69
C VAL A 562 -5.34 -2.22 8.92
N THR A 563 -4.83 -1.26 9.68
CA THR A 563 -5.40 0.08 9.78
C THR A 563 -5.02 0.87 8.53
N VAL A 564 -5.77 1.90 8.22
CA VAL A 564 -5.39 2.82 7.14
C VAL A 564 -4.03 3.45 7.46
N ALA A 565 -3.79 3.86 8.71
CA ALA A 565 -2.51 4.51 9.09
C ALA A 565 -1.35 3.55 8.78
N GLN A 566 -1.46 2.29 9.17
CA GLN A 566 -0.35 1.33 9.02
C GLN A 566 -0.10 1.13 7.53
N HIS A 567 -1.18 0.91 6.77
CA HIS A 567 -1.09 0.56 5.34
C HIS A 567 -0.53 1.77 4.57
N THR A 568 -0.93 2.98 4.94
CA THR A 568 -0.34 4.22 4.41
C THR A 568 1.19 4.20 4.63
N ASN A 569 1.68 3.66 5.75
CA ASN A 569 3.13 3.56 6.08
C ASN A 569 3.84 2.63 5.08
N GLY A 570 3.15 1.61 4.59
CA GLY A 570 3.71 0.73 3.55
C GLY A 570 3.92 1.47 2.26
N TYR A 571 2.94 2.26 1.82
CA TYR A 571 3.01 3.02 0.54
C TYR A 571 4.00 4.17 0.71
N GLN A 572 4.15 4.66 1.93
CA GLN A 572 5.19 5.68 2.27
C GLN A 572 6.58 5.10 1.93
N THR A 573 6.82 3.84 2.25
CA THR A 573 8.12 3.17 2.04
C THR A 573 8.43 3.10 0.53
N LEU A 574 7.49 2.64 -0.29
CA LEU A 574 7.67 2.56 -1.78
C LEU A 574 7.90 3.96 -2.36
N ALA A 575 7.11 4.95 -1.94
CA ALA A 575 7.16 6.32 -2.48
C ALA A 575 8.48 7.00 -2.07
N ASN A 576 8.98 6.73 -0.87
CA ASN A 576 10.23 7.32 -0.35
C ASN A 576 11.43 6.47 -0.81
N ASN A 577 11.40 5.96 -2.05
CA ASN A 577 12.55 5.26 -2.66
C ASN A 577 12.99 4.13 -1.72
N GLY A 578 12.03 3.49 -1.07
CA GLY A 578 12.23 2.22 -0.37
C GLY A 578 12.60 2.39 1.08
N VAL A 579 12.65 3.63 1.57
CA VAL A 579 13.10 3.94 2.96
C VAL A 579 11.86 4.17 3.83
N TYR A 580 11.64 3.26 4.77
CA TYR A 580 10.57 3.34 5.80
C TYR A 580 10.94 4.39 6.83
N HIS A 581 9.94 5.18 7.23
CA HIS A 581 9.91 5.99 8.47
C HIS A 581 8.65 5.61 9.25
N GLN A 582 8.79 5.28 10.52
CA GLN A 582 7.62 4.91 11.36
C GLN A 582 6.61 6.08 11.42
N LYS A 583 5.36 5.78 11.07
CA LYS A 583 4.23 6.73 11.20
C LYS A 583 4.17 7.26 12.64
N HIS A 584 3.81 8.52 12.79
CA HIS A 584 3.70 9.18 14.13
C HIS A 584 2.80 10.39 13.97
N VAL A 585 2.05 10.70 15.03
CA VAL A 585 1.27 11.94 15.16
CA VAL A 585 1.27 11.95 15.15
C VAL A 585 1.92 12.82 16.24
N ILE A 586 2.46 12.18 17.28
CA ILE A 586 3.16 12.94 18.37
C ILE A 586 4.65 13.06 18.01
N SER A 587 5.19 14.28 18.01
CA SER A 587 6.64 14.52 17.79
C SER A 587 7.34 14.70 19.14
N LYS A 588 6.67 15.29 20.12
CA LYS A 588 7.32 15.64 21.40
C LYS A 588 6.25 15.86 22.47
N ILE A 589 6.54 15.42 23.68
CA ILE A 589 5.82 15.81 24.93
C ILE A 589 6.85 16.44 25.86
N GLU A 590 6.54 17.64 26.34
CA GLU A 590 7.36 18.44 27.27
C GLU A 590 6.52 18.77 28.51
N ALA A 591 7.14 18.72 29.68
CA ALA A 591 6.62 19.33 30.92
C ALA A 591 6.49 20.84 30.68
N ALA A 592 5.70 21.52 31.51
CA ALA A 592 5.56 23.00 31.52
C ALA A 592 6.95 23.63 31.52
N ASP A 593 7.90 23.08 32.27
CA ASP A 593 9.23 23.69 32.50
C ASP A 593 10.21 23.28 31.39
N GLY A 594 9.74 22.54 30.38
CA GLY A 594 10.52 22.24 29.17
C GLY A 594 11.29 20.93 29.26
N ARG A 595 11.12 20.16 30.34
CA ARG A 595 11.67 18.79 30.45
C ARG A 595 11.00 17.89 29.40
N VAL A 596 11.78 17.09 28.68
CA VAL A 596 11.27 16.22 27.59
C VAL A 596 10.79 14.90 28.20
N VAL A 597 9.49 14.66 28.16
CA VAL A 597 8.85 13.38 28.55
C VAL A 597 9.12 12.37 27.44
N TYR A 598 8.91 12.78 26.19
CA TYR A 598 9.06 11.90 25.00
C TYR A 598 9.40 12.76 23.78
N GLU A 599 10.21 12.19 22.91
CA GLU A 599 10.62 12.79 21.61
C GLU A 599 10.72 11.67 20.58
N TYR A 600 9.98 11.80 19.49
CA TYR A 600 10.06 10.85 18.34
C TYR A 600 11.51 10.79 17.87
N GLN A 601 12.03 9.57 17.75
CA GLN A 601 13.38 9.29 17.19
C GLN A 601 13.19 8.64 15.82
N ASP A 602 13.72 9.27 14.77
CA ASP A 602 13.72 8.71 13.39
C ASP A 602 14.70 7.53 13.34
N LYS A 603 14.21 6.38 12.88
CA LYS A 603 14.99 5.15 12.60
C LYS A 603 14.72 4.71 11.17
N PRO A 604 15.32 5.38 10.16
CA PRO A 604 15.03 5.07 8.76
C PRO A 604 15.52 3.64 8.45
N VAL A 605 14.77 2.90 7.64
CA VAL A 605 15.16 1.52 7.24
C VAL A 605 14.99 1.39 5.73
N GLN A 606 16.07 1.02 5.03
CA GLN A 606 16.01 0.69 3.59
C GLN A 606 15.33 -0.69 3.49
N VAL A 607 14.02 -0.71 3.28
CA VAL A 607 13.22 -1.96 3.19
C VAL A 607 13.39 -2.55 1.78
N TYR A 608 13.22 -1.74 0.74
CA TYR A 608 13.49 -2.14 -0.67
C TYR A 608 14.69 -1.35 -1.16
N SER A 609 15.45 -1.91 -2.09
CA SER A 609 16.52 -1.16 -2.78
C SER A 609 15.90 0.05 -3.48
N LYS A 610 16.69 1.09 -3.67
CA LYS A 610 16.27 2.28 -4.45
C LYS A 610 15.83 1.82 -5.84
N ALA A 611 16.53 0.84 -6.43
CA ALA A 611 16.19 0.31 -7.76
C ALA A 611 14.75 -0.22 -7.73
N THR A 612 14.45 -1.09 -6.75
CA THR A 612 13.14 -1.77 -6.65
C THR A 612 12.04 -0.72 -6.50
N ALA A 613 12.26 0.21 -5.59
CA ALA A 613 11.24 1.21 -5.20
C ALA A 613 10.93 2.06 -6.43
N THR A 614 11.96 2.50 -7.15
CA THR A 614 11.79 3.45 -8.29
C THR A 614 11.19 2.70 -9.48
N ILE A 615 11.53 1.43 -9.68
CA ILE A 615 10.82 0.56 -10.67
C ILE A 615 9.33 0.47 -10.31
N MET A 616 8.98 0.18 -9.06
CA MET A 616 7.57 0.00 -8.64
CA MET A 616 7.58 0.01 -8.61
C MET A 616 6.82 1.32 -8.83
N GLN A 617 7.46 2.46 -8.55
CA GLN A 617 6.83 3.79 -8.75
C GLN A 617 6.38 3.91 -10.21
N GLY A 618 7.23 3.53 -11.16
CA GLY A 618 6.91 3.60 -12.59
C GLY A 618 5.69 2.75 -12.92
N LEU A 619 5.59 1.57 -12.33
CA LEU A 619 4.47 0.64 -12.60
C LEU A 619 3.18 1.19 -11.98
N LEU A 620 3.26 1.79 -10.80
CA LEU A 620 2.05 2.25 -10.09
C LEU A 620 1.57 3.55 -10.71
N ARG A 621 2.44 4.29 -11.39
CA ARG A 621 2.05 5.47 -12.20
C ARG A 621 1.03 5.02 -13.26
N GLU A 622 1.32 3.92 -13.94
CA GLU A 622 0.49 3.40 -15.06
C GLU A 622 -0.81 2.80 -14.50
N VAL A 623 -0.82 2.30 -13.26
CA VAL A 623 -2.06 1.76 -12.65
C VAL A 623 -3.09 2.89 -12.69
N LEU A 624 -2.72 4.10 -12.28
CA LEU A 624 -3.69 5.23 -12.21
C LEU A 624 -3.97 5.74 -13.62
N SER A 625 -2.97 5.92 -14.47
CA SER A 625 -3.11 6.51 -15.83
CA SER A 625 -3.14 6.53 -15.82
C SER A 625 -4.01 5.60 -16.69
N SER A 626 -3.88 4.28 -16.53
CA SER A 626 -4.66 3.27 -17.28
C SER A 626 -6.17 3.37 -16.97
N ARG A 627 -6.53 3.83 -15.78
CA ARG A 627 -7.93 4.05 -15.32
C ARG A 627 -8.74 2.74 -15.41
N VAL A 628 -8.09 1.57 -15.33
CA VAL A 628 -8.83 0.30 -15.39
C VAL A 628 -9.59 0.08 -14.08
N THR A 629 -8.96 0.29 -12.93
CA THR A 629 -9.51 -0.10 -11.61
C THR A 629 -9.96 1.12 -10.83
N THR A 630 -9.76 2.33 -11.35
CA THR A 630 -10.13 3.58 -10.65
C THR A 630 -10.28 4.72 -11.65
N THR A 631 -11.26 5.60 -11.45
CA THR A 631 -11.52 6.76 -12.32
C THR A 631 -10.73 7.93 -11.77
N PHE A 632 -9.91 7.70 -10.75
CA PHE A 632 -9.31 8.78 -9.93
C PHE A 632 -8.69 9.85 -10.84
N LYS A 633 -7.83 9.47 -11.79
CA LYS A 633 -7.15 10.48 -12.64
C LYS A 633 -8.15 11.31 -13.45
N SER A 634 -9.26 10.72 -13.93
CA SER A 634 -10.34 11.45 -14.66
C SER A 634 -11.04 12.42 -13.69
N ASN A 635 -11.32 11.97 -12.47
CA ASN A 635 -11.98 12.79 -11.44
C ASN A 635 -11.06 13.98 -11.13
N LEU A 636 -9.76 13.75 -10.94
CA LEU A 636 -8.84 14.83 -10.49
C LEU A 636 -8.55 15.80 -11.63
N THR A 637 -8.38 15.30 -12.86
CA THR A 637 -8.12 16.15 -14.04
C THR A 637 -9.25 17.19 -14.16
N SER A 638 -10.50 16.81 -13.90
CA SER A 638 -11.66 17.74 -13.98
C SER A 638 -11.62 18.75 -12.84
N LEU A 639 -11.40 18.32 -11.61
CA LEU A 639 -11.41 19.20 -10.41
C LEU A 639 -10.21 20.15 -10.45
N ASN A 640 -9.04 19.64 -10.82
CA ASN A 640 -7.78 20.41 -10.62
C ASN A 640 -6.73 19.90 -11.59
N PRO A 641 -6.80 20.33 -12.87
CA PRO A 641 -5.93 19.77 -13.90
C PRO A 641 -4.45 20.00 -13.62
N THR A 642 -4.10 21.12 -12.99
CA THR A 642 -2.71 21.38 -12.57
C THR A 642 -2.26 20.32 -11.57
N LEU A 643 -3.05 20.06 -10.53
CA LEU A 643 -2.71 19.02 -9.52
C LEU A 643 -2.68 17.63 -10.17
N ALA A 644 -3.55 17.36 -11.14
CA ALA A 644 -3.58 16.06 -11.84
C ALA A 644 -2.26 15.82 -12.58
N ASN A 645 -1.48 16.88 -12.90
CA ASN A 645 -0.18 16.77 -13.62
C ASN A 645 0.99 16.58 -12.65
N ALA A 646 0.76 16.63 -11.33
CA ALA A 646 1.71 16.11 -10.34
C ALA A 646 1.91 14.62 -10.61
N ASP A 647 3.00 14.05 -10.10
CA ASP A 647 3.39 12.66 -10.42
C ASP A 647 2.68 11.68 -9.47
N TRP A 648 1.42 11.39 -9.76
CA TRP A 648 0.55 10.46 -8.99
C TRP A 648 0.91 9.01 -9.30
N ILE A 649 1.02 8.20 -8.26
CA ILE A 649 1.08 6.72 -8.37
C ILE A 649 0.06 6.14 -7.41
N GLY A 650 -0.44 4.94 -7.66
CA GLY A 650 -1.42 4.40 -6.73
C GLY A 650 -1.79 2.98 -7.03
N LYS A 651 -2.62 2.43 -6.16
CA LYS A 651 -3.10 1.03 -6.27
C LYS A 651 -4.47 0.95 -5.60
N THR A 652 -5.37 0.13 -6.16
CA THR A 652 -6.72 -0.16 -5.63
C THR A 652 -6.78 -1.56 -5.03
N GLY A 653 -7.76 -1.76 -4.17
CA GLY A 653 -8.13 -3.09 -3.67
C GLY A 653 -9.61 -3.16 -3.37
N THR A 654 -10.16 -4.36 -3.51
CA THR A 654 -11.59 -4.68 -3.35
C THR A 654 -11.63 -6.03 -2.63
N THR A 655 -12.25 -6.15 -1.45
CA THR A 655 -12.42 -7.51 -0.88
C THR A 655 -13.48 -8.26 -1.70
N GLY A 656 -13.49 -9.59 -1.60
CA GLY A 656 -14.15 -10.49 -2.55
C GLY A 656 -15.66 -10.27 -2.64
N GLN A 657 -16.30 -9.80 -1.57
CA GLN A 657 -17.76 -9.51 -1.59
C GLN A 657 -17.98 -8.00 -1.50
N ASP A 658 -17.04 -7.21 -2.01
CA ASP A 658 -17.14 -5.73 -2.06
C ASP A 658 -17.42 -5.13 -0.67
N GLU A 659 -16.90 -5.72 0.40
CA GLU A 659 -17.09 -5.22 1.79
C GLU A 659 -16.12 -4.07 2.07
N ASN A 660 -14.98 -4.05 1.38
CA ASN A 660 -13.89 -3.05 1.61
C ASN A 660 -13.32 -2.60 0.27
N MET A 661 -13.18 -1.30 0.09
CA MET A 661 -12.46 -0.71 -1.05
C MET A 661 -11.28 0.08 -0.51
N TRP A 662 -10.16 0.04 -1.22
CA TRP A 662 -8.91 0.76 -0.85
C TRP A 662 -8.46 1.53 -2.08
N LEU A 663 -7.99 2.75 -1.87
CA LEU A 663 -7.19 3.48 -2.87
C LEU A 663 -6.02 4.13 -2.12
N MET A 664 -4.81 3.74 -2.49
CA MET A 664 -3.56 4.29 -1.94
C MET A 664 -2.94 5.17 -3.02
N LEU A 665 -2.61 6.40 -2.66
CA LEU A 665 -2.10 7.41 -3.61
C LEU A 665 -0.79 7.98 -3.07
N SER A 666 0.16 8.27 -3.95
CA SER A 666 1.39 8.99 -3.56
C SER A 666 1.78 9.99 -4.65
N THR A 667 2.29 11.14 -4.23
CA THR A 667 3.31 11.91 -4.97
C THR A 667 4.64 11.71 -4.27
N PRO A 668 5.75 12.22 -4.82
CA PRO A 668 7.04 12.08 -4.16
C PRO A 668 7.02 12.63 -2.74
N ARG A 669 6.22 13.67 -2.47
CA ARG A 669 6.17 14.33 -1.14
C ARG A 669 5.22 13.59 -0.17
N LEU A 670 4.05 13.13 -0.61
CA LEU A 670 2.96 12.71 0.31
C LEU A 670 2.38 11.38 -0.15
N THR A 671 1.90 10.59 0.81
CA THR A 671 1.03 9.42 0.56
C THR A 671 -0.32 9.68 1.24
N LEU A 672 -1.41 9.36 0.54
CA LEU A 672 -2.78 9.40 1.08
C LEU A 672 -3.40 8.01 0.95
N GLY A 673 -3.67 7.36 2.07
CA GLY A 673 -4.43 6.10 2.15
C GLY A 673 -5.90 6.35 2.31
N GLY A 674 -6.71 5.53 1.64
CA GLY A 674 -8.17 5.61 1.69
C GLY A 674 -8.79 4.23 1.74
N TRP A 675 -9.58 4.00 2.77
CA TRP A 675 -10.50 2.84 2.91
C TRP A 675 -11.94 3.38 2.90
N ILE A 676 -12.87 2.60 2.34
CA ILE A 676 -14.32 2.71 2.63
C ILE A 676 -14.87 1.30 2.87
N GLY A 677 -15.96 1.25 3.62
CA GLY A 677 -16.68 0.02 3.98
C GLY A 677 -17.81 0.33 4.95
N HIS A 678 -18.42 -0.72 5.49
CA HIS A 678 -19.50 -0.58 6.51
C HIS A 678 -18.95 -1.11 7.83
N ASP A 679 -19.36 -0.49 8.95
CA ASP A 679 -18.93 -0.92 10.30
C ASP A 679 -19.34 -2.38 10.54
N ASP A 680 -20.43 -2.87 9.94
CA ASP A 680 -20.92 -4.26 10.17
C ASP A 680 -20.46 -5.20 9.05
N ASN A 681 -19.59 -4.73 8.14
CA ASN A 681 -18.88 -5.57 7.13
C ASN A 681 -19.84 -6.00 6.00
N HIS A 682 -21.01 -5.37 5.85
CA HIS A 682 -21.89 -5.76 4.71
C HIS A 682 -21.34 -5.11 3.42
N SER A 683 -21.78 -5.63 2.28
CA SER A 683 -21.24 -5.31 0.92
C SER A 683 -21.54 -3.87 0.54
N LEU A 684 -20.57 -3.19 -0.03
CA LEU A 684 -20.75 -1.99 -0.88
C LEU A 684 -21.28 -2.40 -2.26
N SER A 685 -21.64 -1.42 -3.08
CA SER A 685 -21.99 -1.61 -4.51
C SER A 685 -20.73 -2.05 -5.27
N GLN A 686 -20.92 -2.62 -6.46
CA GLN A 686 -19.81 -3.17 -7.29
C GLN A 686 -18.82 -2.05 -7.65
N GLN A 687 -19.29 -0.84 -7.91
CA GLN A 687 -18.47 0.26 -8.45
C GLN A 687 -18.04 1.21 -7.33
N ALA A 688 -18.22 0.86 -6.05
CA ALA A 688 -17.98 1.78 -4.91
C ALA A 688 -16.52 2.23 -4.91
N GLY A 689 -15.59 1.33 -5.20
CA GLY A 689 -14.14 1.64 -5.17
C GLY A 689 -13.70 2.29 -6.47
N TYR A 690 -14.20 1.76 -7.59
CA TYR A 690 -13.84 2.20 -8.96
C TYR A 690 -14.20 3.67 -9.13
N SER A 691 -15.43 4.02 -8.78
CA SER A 691 -16.01 5.37 -9.05
CA SER A 691 -16.02 5.37 -9.05
C SER A 691 -16.14 6.17 -7.74
N ASN A 692 -16.94 5.70 -6.79
CA ASN A 692 -17.32 6.59 -5.64
C ASN A 692 -16.08 7.00 -4.83
N ASN A 693 -15.27 6.05 -4.38
CA ASN A 693 -14.10 6.37 -3.52
C ASN A 693 -13.09 7.20 -4.32
N SER A 694 -12.93 6.90 -5.62
CA SER A 694 -12.02 7.62 -6.53
C SER A 694 -12.44 9.11 -6.61
N ASN A 695 -13.73 9.34 -6.74
CA ASN A 695 -14.28 10.72 -6.83
C ASN A 695 -14.11 11.41 -5.48
N TYR A 696 -14.47 10.73 -4.39
CA TYR A 696 -14.32 11.30 -3.03
C TYR A 696 -12.84 11.65 -2.78
N MET A 697 -11.92 10.74 -3.11
CA MET A 697 -10.47 10.98 -2.84
C MET A 697 -9.91 12.08 -3.76
N ALA A 698 -10.43 12.24 -4.98
CA ALA A 698 -10.10 13.40 -5.86
C ALA A 698 -10.51 14.72 -5.16
N HIS A 699 -11.71 14.77 -4.60
CA HIS A 699 -12.15 15.95 -3.80
C HIS A 699 -11.23 16.14 -2.60
N LEU A 700 -10.86 15.07 -1.90
CA LEU A 700 -10.05 15.16 -0.67
C LEU A 700 -8.67 15.73 -1.03
N VAL A 701 -8.07 15.23 -2.12
CA VAL A 701 -6.73 15.67 -2.61
C VAL A 701 -6.80 17.15 -3.02
N ASN A 702 -7.87 17.53 -3.72
CA ASN A 702 -8.10 18.94 -4.13
C ASN A 702 -8.21 19.81 -2.87
N ALA A 703 -8.97 19.39 -1.85
CA ALA A 703 -9.19 20.19 -0.62
C ALA A 703 -7.84 20.40 0.09
N ILE A 704 -6.97 19.37 0.11
CA ILE A 704 -5.64 19.44 0.76
C ILE A 704 -4.77 20.48 0.02
N GLN A 705 -4.80 20.46 -1.31
CA GLN A 705 -3.98 21.38 -2.15
C GLN A 705 -4.51 22.80 -1.97
N GLN A 706 -5.83 22.98 -1.88
CA GLN A 706 -6.44 24.32 -1.75
C GLN A 706 -6.03 24.91 -0.39
N ALA A 707 -5.85 24.07 0.62
CA ALA A 707 -5.49 24.50 2.01
C ALA A 707 -3.98 24.80 2.08
N SER A 708 -3.18 24.16 1.22
CA SER A 708 -1.69 24.15 1.29
C SER A 708 -1.13 23.92 -0.11
N PRO A 709 -1.09 24.96 -0.95
CA PRO A 709 -0.88 24.82 -2.40
C PRO A 709 0.36 24.03 -2.86
N SER A 710 1.46 24.11 -2.12
CA SER A 710 2.73 23.43 -2.49
C SER A 710 2.85 22.02 -1.89
N ILE A 711 1.89 21.57 -1.07
CA ILE A 711 2.11 20.37 -0.19
C ILE A 711 2.34 19.10 -1.02
N TRP A 712 1.67 18.94 -2.17
CA TRP A 712 1.80 17.70 -3.00
C TRP A 712 3.16 17.69 -3.73
N GLY A 713 3.67 18.86 -4.10
CA GLY A 713 5.00 18.99 -4.75
C GLY A 713 4.91 18.82 -6.24
N ASN A 714 5.91 19.29 -6.96
CA ASN A 714 5.97 19.18 -8.44
C ASN A 714 7.11 18.25 -8.87
N GLU A 715 7.76 17.59 -7.92
CA GLU A 715 8.85 16.61 -8.17
C GLU A 715 8.26 15.38 -8.88
N ARG A 716 9.04 14.75 -9.75
CA ARG A 716 8.67 13.49 -10.44
C ARG A 716 9.34 12.34 -9.70
N PHE A 717 8.72 11.17 -9.66
CA PHE A 717 9.41 9.89 -9.40
C PHE A 717 10.32 9.62 -10.60
N ALA A 718 11.49 9.03 -10.38
CA ALA A 718 12.45 8.71 -11.45
C ALA A 718 13.26 7.47 -11.05
N LEU A 719 13.62 6.67 -12.05
CA LEU A 719 14.47 5.47 -11.87
C LEU A 719 15.77 5.87 -11.19
N ASP A 720 16.15 5.15 -10.13
CA ASP A 720 17.48 5.27 -9.51
C ASP A 720 18.54 4.89 -10.54
N PRO A 721 19.70 5.56 -10.53
CA PRO A 721 20.84 5.20 -11.38
C PRO A 721 21.26 3.71 -11.25
N SER A 722 20.94 3.05 -10.13
CA SER A 722 21.36 1.67 -9.84
C SER A 722 20.48 0.66 -10.61
N VAL A 723 19.39 1.12 -11.22
CA VAL A 723 18.49 0.26 -12.04
C VAL A 723 19.25 -0.28 -13.25
N VAL A 724 19.07 -1.56 -13.54
CA VAL A 724 19.66 -2.21 -14.74
C VAL A 724 18.58 -2.25 -15.83
N LYS A 725 18.94 -1.78 -17.02
CA LYS A 725 18.06 -1.76 -18.22
C LYS A 725 18.47 -2.92 -19.11
N SER A 726 17.55 -3.86 -19.34
CA SER A 726 17.79 -5.04 -20.20
C SER A 726 16.90 -4.94 -21.44
N GLU A 727 17.49 -5.12 -22.62
CA GLU A 727 16.72 -5.35 -23.87
C GLU A 727 16.22 -6.79 -23.85
N VAL A 728 14.91 -6.97 -23.79
CA VAL A 728 14.27 -8.31 -23.73
C VAL A 728 13.20 -8.39 -24.81
N LEU A 729 12.84 -9.61 -25.21
CA LEU A 729 11.67 -9.89 -26.07
C LEU A 729 10.40 -9.43 -25.34
N LYS A 730 9.51 -8.72 -26.03
CA LYS A 730 8.14 -8.44 -25.56
C LYS A 730 7.45 -9.76 -25.19
N SER A 731 7.72 -10.82 -25.94
CA SER A 731 6.96 -12.10 -25.86
C SER A 731 7.33 -12.88 -24.59
N THR A 732 8.61 -12.87 -24.18
CA THR A 732 9.13 -13.74 -23.09
C THR A 732 9.59 -12.92 -21.88
N GLY A 733 9.88 -11.63 -22.06
CA GLY A 733 10.43 -10.74 -21.01
C GLY A 733 11.87 -11.10 -20.69
N GLN A 734 12.52 -11.88 -21.56
CA GLN A 734 13.89 -12.38 -21.36
C GLN A 734 14.69 -12.10 -22.64
N LYS A 735 16.01 -12.10 -22.54
CA LYS A 735 16.92 -11.71 -23.65
C LYS A 735 16.73 -12.68 -24.81
N PRO A 736 16.93 -12.24 -26.06
CA PRO A 736 16.81 -13.13 -27.22
C PRO A 736 17.84 -14.28 -27.12
N GLY A 737 17.52 -15.42 -27.72
CA GLY A 737 18.41 -16.60 -27.76
C GLY A 737 17.66 -17.87 -28.13
N LYS A 738 18.29 -19.03 -27.92
CA LYS A 738 17.81 -20.35 -28.40
C LYS A 738 17.13 -21.09 -27.24
N VAL A 739 16.03 -21.79 -27.55
CA VAL A 739 15.17 -22.54 -26.60
C VAL A 739 14.74 -23.85 -27.27
N SER A 740 14.73 -24.98 -26.54
CA SER A 740 14.18 -26.26 -27.06
C SER A 740 12.66 -26.30 -26.81
N VAL A 741 11.89 -26.19 -27.89
CA VAL A 741 10.41 -26.36 -27.96
C VAL A 741 10.10 -27.65 -28.73
N GLU A 742 9.59 -28.68 -28.05
CA GLU A 742 9.23 -29.99 -28.66
C GLU A 742 10.39 -30.48 -29.52
N GLY A 743 11.54 -30.79 -28.89
CA GLY A 743 12.75 -31.30 -29.56
C GLY A 743 13.54 -30.20 -30.23
N LYS A 744 12.88 -29.38 -31.06
CA LYS A 744 13.51 -28.50 -32.09
C LYS A 744 14.07 -27.24 -31.43
N GLU A 745 15.40 -27.08 -31.44
CA GLU A 745 16.14 -25.89 -30.99
C GLU A 745 15.68 -24.67 -31.81
N VAL A 746 14.86 -23.79 -31.21
CA VAL A 746 14.16 -22.67 -31.90
C VAL A 746 14.84 -21.35 -31.54
N GLU A 747 15.17 -20.56 -32.57
CA GLU A 747 15.77 -19.21 -32.47
C GLU A 747 14.65 -18.21 -32.17
N VAL A 748 14.56 -17.74 -30.92
CA VAL A 748 13.47 -16.81 -30.46
C VAL A 748 13.92 -15.37 -30.68
N THR A 749 13.29 -14.69 -31.64
CA THR A 749 13.55 -13.28 -32.01
C THR A 749 12.22 -12.51 -31.97
N GLY A 750 12.24 -11.24 -32.37
CA GLY A 750 11.04 -10.39 -32.53
C GLY A 750 11.17 -9.07 -31.79
N SER A 751 10.05 -8.34 -31.65
CA SER A 751 9.97 -7.03 -30.96
C SER A 751 10.64 -7.13 -29.59
N THR A 752 11.54 -6.19 -29.28
CA THR A 752 12.18 -6.07 -27.95
C THR A 752 11.66 -4.82 -27.22
N VAL A 753 11.89 -4.78 -25.92
CA VAL A 753 11.48 -3.67 -25.01
C VAL A 753 12.54 -3.57 -23.91
N THR A 754 12.71 -2.39 -23.33
CA THR A 754 13.61 -2.18 -22.18
C THR A 754 12.90 -2.66 -20.91
N SER A 755 13.52 -3.58 -20.18
CA SER A 755 12.99 -4.11 -18.90
C SER A 755 13.89 -3.61 -17.77
N TYR A 756 13.29 -3.11 -16.69
CA TYR A 756 14.01 -2.53 -15.53
C TYR A 756 14.15 -3.60 -14.45
N TRP A 757 15.39 -3.81 -14.00
CA TRP A 757 15.75 -4.83 -12.97
C TRP A 757 16.48 -4.14 -11.81
N ALA A 758 16.46 -4.77 -10.65
CA ALA A 758 17.04 -4.28 -9.38
C ALA A 758 18.11 -5.26 -8.91
N ASN A 759 18.69 -6.03 -9.83
CA ASN A 759 19.82 -6.95 -9.56
C ASN A 759 21.07 -6.36 -10.23
N LYS A 760 22.09 -7.18 -10.50
CA LYS A 760 23.36 -6.71 -11.12
C LYS A 760 23.34 -7.00 -12.62
N SER A 761 22.88 -8.19 -13.03
CA SER A 761 23.06 -8.74 -14.40
C SER A 761 21.85 -8.39 -15.28
N GLY A 762 20.77 -7.90 -14.67
CA GLY A 762 19.50 -7.68 -15.40
C GLY A 762 18.87 -9.00 -15.78
N ALA A 763 18.14 -9.01 -16.90
CA ALA A 763 17.27 -10.14 -17.30
C ALA A 763 18.16 -11.26 -17.80
N PRO A 764 17.80 -12.54 -17.54
CA PRO A 764 18.53 -13.67 -18.12
C PRO A 764 18.12 -13.88 -19.59
N ALA A 765 18.82 -14.78 -20.30
CA ALA A 765 18.38 -15.30 -21.62
C ALA A 765 17.02 -16.01 -21.46
N THR A 766 16.19 -15.97 -22.51
CA THR A 766 14.91 -16.73 -22.58
C THR A 766 15.21 -18.19 -22.23
N SER A 767 14.52 -18.74 -21.23
CA SER A 767 14.42 -20.21 -20.99
C SER A 767 13.04 -20.67 -21.45
N TYR A 768 12.79 -21.98 -21.50
CA TYR A 768 11.47 -22.54 -21.92
C TYR A 768 10.39 -22.04 -20.95
N ARG A 769 10.63 -22.12 -19.64
CA ARG A 769 9.69 -21.62 -18.59
C ARG A 769 10.01 -20.15 -18.31
N PHE A 770 9.70 -19.26 -19.26
CA PHE A 770 10.19 -17.86 -19.31
C PHE A 770 9.38 -16.96 -18.36
N ALA A 771 8.21 -17.43 -17.92
CA ALA A 771 7.21 -16.62 -17.18
C ALA A 771 7.23 -16.99 -15.70
N ILE A 772 6.65 -16.13 -14.86
CA ILE A 772 6.33 -16.46 -13.45
C ILE A 772 5.07 -17.32 -13.45
N GLY A 773 5.19 -18.58 -13.05
CA GLY A 773 4.05 -19.52 -12.93
C GLY A 773 3.71 -20.18 -14.26
N GLY A 774 2.66 -20.99 -14.25
CA GLY A 774 2.12 -21.63 -15.46
C GLY A 774 2.35 -23.13 -15.44
N SER A 775 1.40 -23.88 -16.00
CA SER A 775 1.45 -25.34 -16.15
C SER A 775 2.13 -25.72 -17.48
N ASP A 776 2.50 -27.00 -17.64
CA ASP A 776 3.14 -27.51 -18.88
C ASP A 776 2.21 -27.24 -20.12
N ALA A 777 0.88 -27.42 -19.87
CA ALA A 777 -0.22 -27.12 -20.83
C ALA A 777 -0.19 -25.63 -21.21
N ASP A 778 -0.12 -24.74 -20.22
CA ASP A 778 -0.09 -23.27 -20.46
C ASP A 778 1.09 -22.96 -21.39
N TYR A 779 2.27 -23.53 -21.08
CA TYR A 779 3.55 -23.22 -21.77
C TYR A 779 3.50 -23.75 -23.20
N GLN A 780 2.88 -24.91 -23.40
CA GLN A 780 2.63 -25.49 -24.74
C GLN A 780 1.82 -24.48 -25.56
N ASN A 781 0.76 -23.94 -24.97
CA ASN A 781 -0.16 -22.97 -25.63
C ASN A 781 0.60 -21.67 -25.94
N ALA A 782 1.35 -21.16 -24.96
CA ALA A 782 2.12 -19.90 -25.07
C ALA A 782 3.14 -20.04 -26.22
N TRP A 783 3.98 -21.07 -26.15
CA TRP A 783 5.08 -21.31 -27.12
C TRP A 783 4.53 -21.50 -28.53
N SER A 784 3.36 -22.15 -28.65
CA SER A 784 2.61 -22.30 -29.92
C SER A 784 2.39 -20.92 -30.55
N SER A 785 1.85 -19.98 -29.76
CA SER A 785 1.64 -18.57 -30.14
C SER A 785 2.96 -17.93 -30.59
N ILE A 786 4.04 -18.08 -29.81
CA ILE A 786 5.34 -17.39 -30.01
C ILE A 786 6.05 -17.95 -31.25
N VAL A 787 6.04 -19.28 -31.42
CA VAL A 787 6.65 -19.95 -32.60
C VAL A 787 5.89 -19.52 -33.87
N GLY A 788 4.55 -19.48 -33.80
CA GLY A 788 3.68 -19.03 -34.89
C GLY A 788 4.08 -17.66 -35.43
N SER A 789 4.65 -16.81 -34.56
CA SER A 789 4.95 -15.38 -34.83
C SER A 789 6.34 -15.21 -35.44
N LEU A 790 7.19 -16.24 -35.37
CA LEU A 790 8.56 -16.24 -35.98
C LEU A 790 8.43 -16.57 -37.47
#